data_6X8A
#
_entry.id   6X8A
#
_cell.length_a   45.230
_cell.length_b   50.610
_cell.length_c   79.600
_cell.angle_alpha   90.000
_cell.angle_beta   90.000
_cell.angle_gamma   90.000
#
_symmetry.space_group_name_H-M   'P 21 21 21'
#
loop_
_entity.id
_entity.type
_entity.pdbx_description
1 polymer 'Antifreeze protein'
2 branched beta-D-fructofuranose-(2-1)-alpha-D-glucopyranose
3 non-polymer 'CALCIUM ION'
4 water water
#
_entity_poly.entity_id   1
_entity_poly.type   'polypeptide(L)'
_entity_poly.pdbx_seq_one_letter_code
;AQDDSTPDSLFAGLVGEYYGTNSQLNNISDFRALVDSKEADATFEAANISYGRGSSDVAKGTHLQEFLGSDASTLSTDPG
DNTDGGIYLQGYVYLEAGTYNFKVTADDGYEITINGNPVATVDNNQSVYTVTHASFTISESGYQAIDMIWWDQGGDYVFQ
PTLSADGGSTYFVLDSAILSSTGETPYTT
;
_entity_poly.pdbx_strand_id   A
#
# COMPACT_ATOMS: atom_id res chain seq x y z
N GLN A 2 -12.92 -10.31 13.52
CA GLN A 2 -13.71 -9.20 14.02
C GLN A 2 -13.24 -8.81 15.42
N ASP A 3 -13.12 -7.50 15.65
CA ASP A 3 -12.61 -7.05 16.95
C ASP A 3 -13.37 -5.86 17.54
N ASP A 4 -14.56 -5.54 17.05
CA ASP A 4 -15.37 -4.48 17.66
C ASP A 4 -16.84 -4.73 17.33
N SER A 5 -17.66 -3.69 17.42
CA SER A 5 -19.11 -3.79 17.19
C SER A 5 -19.51 -3.33 15.79
N THR A 6 -18.56 -3.11 14.89
CA THR A 6 -18.87 -2.63 13.55
C THR A 6 -18.62 -3.75 12.54
N PRO A 7 -19.62 -4.16 11.74
CA PRO A 7 -19.35 -5.09 10.65
C PRO A 7 -18.40 -4.47 9.64
N ASP A 8 -17.50 -5.29 9.11
CA ASP A 8 -16.45 -4.81 8.22
C ASP A 8 -16.72 -5.28 6.81
N SER A 9 -16.50 -4.42 5.82
CA SER A 9 -16.76 -4.82 4.46
C SER A 9 -15.80 -5.96 4.04
N LEU A 10 -16.34 -7.00 3.42
CA LEU A 10 -15.55 -8.08 2.85
C LEU A 10 -15.39 -7.87 1.37
N PHE A 11 -14.18 -7.65 0.92
CA PHE A 11 -13.89 -7.49 -0.50
C PHE A 11 -12.49 -8.03 -0.77
N ALA A 12 -12.22 -8.26 -2.06
CA ALA A 12 -10.94 -8.84 -2.52
C ALA A 12 -9.96 -7.70 -2.70
N GLY A 13 -9.41 -7.23 -1.58
CA GLY A 13 -8.54 -6.06 -1.58
C GLY A 13 -8.11 -5.79 -0.17
N LEU A 14 -7.23 -4.81 -0.03
CA LEU A 14 -6.90 -4.26 1.28
C LEU A 14 -7.74 -3.03 1.59
N VAL A 15 -7.95 -2.81 2.89
CA VAL A 15 -8.59 -1.57 3.35
C VAL A 15 -7.61 -0.41 3.18
N GLY A 16 -7.98 0.57 2.37
CA GLY A 16 -7.12 1.70 2.08
C GLY A 16 -7.56 2.97 2.79
N GLU A 17 -6.59 3.71 3.28
CA GLU A 17 -6.79 5.04 3.85
C GLU A 17 -5.78 5.98 3.22
N TYR A 18 -6.22 7.15 2.86
CA TYR A 18 -5.40 8.23 2.35
C TYR A 18 -5.35 9.36 3.37
N TYR A 19 -4.14 9.88 3.58
CA TYR A 19 -3.90 11.02 4.47
C TYR A 19 -3.10 12.07 3.74
N GLY A 20 -3.54 13.30 3.81
CA GLY A 20 -2.78 14.45 3.29
C GLY A 20 -2.32 15.36 4.40
N THR A 21 -1.30 16.16 4.11
CA THR A 21 -0.76 17.13 5.08
C THR A 21 -0.06 18.24 4.32
N ASN A 22 0.11 19.38 5.00
CA ASN A 22 0.92 20.49 4.51
C ASN A 22 2.25 20.59 5.20
N SER A 23 2.60 19.61 5.99
CA SER A 23 3.93 19.43 6.53
C SER A 23 4.74 18.50 5.65
N GLN A 24 6.04 18.50 5.84
CA GLN A 24 6.92 17.70 5.01
C GLN A 24 6.97 16.28 5.53
N LEU A 25 6.82 15.32 4.63
CA LEU A 25 7.05 13.91 4.94
C LEU A 25 8.45 13.51 4.48
N ASN A 26 9.33 13.18 5.42
CA ASN A 26 10.72 12.83 5.12
C ASN A 26 11.01 11.35 5.27
N ASN A 27 10.16 10.60 5.95
CA ASN A 27 10.52 9.25 6.35
C ASN A 27 9.25 8.54 6.79
N ILE A 28 9.42 7.24 7.09
CA ILE A 28 8.31 6.41 7.54
C ILE A 28 7.67 6.97 8.79
N SER A 29 8.50 7.34 9.77
CA SER A 29 8.00 7.87 11.03
C SER A 29 7.07 9.06 10.81
N ASP A 30 7.44 9.96 9.91
CA ASP A 30 6.61 11.13 9.66
C ASP A 30 5.24 10.71 9.12
N PHE A 31 5.22 9.73 8.20
CA PHE A 31 3.92 9.33 7.64
C PHE A 31 3.10 8.61 8.70
N ARG A 32 3.70 7.68 9.44
CA ARG A 32 2.96 7.02 10.51
C ARG A 32 2.41 8.00 11.53
N ALA A 33 3.17 9.05 11.88
CA ALA A 33 2.65 10.07 12.80
C ALA A 33 1.44 10.79 12.21
N LEU A 34 1.46 11.05 10.88
CA LEU A 34 0.30 11.64 10.22
C LEU A 34 -0.92 10.74 10.35
N VAL A 35 -0.74 9.45 10.08
CA VAL A 35 -1.83 8.49 10.19
C VAL A 35 -2.43 8.53 11.60
N ASP A 36 -1.56 8.54 12.62
CA ASP A 36 -1.98 8.54 14.02
C ASP A 36 -2.74 9.80 14.42
N SER A 37 -2.47 10.92 13.73
CA SER A 37 -2.91 12.23 14.18
C SER A 37 -4.37 12.57 13.87
N LYS A 38 -5.03 11.84 12.98
CA LYS A 38 -6.36 12.25 12.55
C LYS A 38 -7.03 11.07 11.86
N GLU A 39 -8.30 11.27 11.56
CA GLU A 39 -9.04 10.36 10.69
C GLU A 39 -8.60 10.49 9.25
N ALA A 40 -8.71 9.39 8.50
CA ALA A 40 -8.31 9.40 7.11
C ALA A 40 -9.06 10.49 6.33
N ASP A 41 -8.36 11.13 5.42
CA ASP A 41 -8.98 12.08 4.51
C ASP A 41 -9.86 11.40 3.48
N ALA A 42 -9.57 10.15 3.13
CA ALA A 42 -10.47 9.33 2.30
C ALA A 42 -10.16 7.87 2.57
N THR A 43 -11.14 7.02 2.34
CA THR A 43 -10.95 5.58 2.37
C THR A 43 -11.23 5.01 0.98
N PHE A 44 -10.70 3.83 0.72
CA PHE A 44 -10.89 3.18 -0.57
C PHE A 44 -10.57 1.70 -0.42
N GLU A 45 -10.90 0.93 -1.44
CA GLU A 45 -10.60 -0.50 -1.55
C GLU A 45 -9.38 -0.65 -2.45
N ALA A 46 -8.32 -1.22 -1.91
CA ALA A 46 -7.07 -1.39 -2.66
C ALA A 46 -7.06 -2.81 -3.23
N ALA A 47 -7.63 -2.94 -4.42
CA ALA A 47 -7.76 -4.23 -5.07
C ALA A 47 -6.76 -4.46 -6.20
N ASN A 48 -6.00 -3.45 -6.58
CA ASN A 48 -5.01 -3.64 -7.64
C ASN A 48 -3.85 -2.71 -7.33
N ILE A 49 -2.86 -3.22 -6.58
CA ILE A 49 -1.89 -2.33 -5.89
C ILE A 49 -0.73 -2.07 -6.85
N SER A 50 -1.01 -1.19 -7.82
CA SER A 50 -0.02 -0.76 -8.82
C SER A 50 -0.48 0.65 -9.20
N TYR A 51 0.10 1.66 -8.60
CA TYR A 51 -0.40 3.00 -8.58
C TYR A 51 0.58 3.94 -9.28
N GLY A 52 0.06 4.92 -9.98
CA GLY A 52 0.90 5.88 -10.69
C GLY A 52 1.47 5.27 -11.95
N ARG A 53 2.48 5.91 -12.55
CA ARG A 53 3.19 7.12 -12.13
C ARG A 53 2.46 8.38 -12.51
N GLY A 54 2.64 9.45 -11.74
CA GLY A 54 2.17 10.76 -12.11
C GLY A 54 3.10 11.83 -11.60
N SER A 55 2.74 13.08 -11.90
CA SER A 55 3.53 14.27 -11.59
C SER A 55 2.70 15.32 -10.87
N SER A 56 3.38 16.32 -10.33
CA SER A 56 2.77 17.53 -9.80
C SER A 56 2.01 17.25 -8.50
N ASP A 57 2.53 16.35 -7.66
CA ASP A 57 2.13 16.12 -6.24
C ASP A 57 0.89 15.24 -6.14
N VAL A 58 0.97 14.10 -5.47
CA VAL A 58 -0.19 13.19 -5.39
C VAL A 58 -1.34 13.86 -4.66
N ALA A 59 -1.04 14.81 -3.75
CA ALA A 59 -2.03 15.37 -2.84
C ALA A 59 -2.79 16.55 -3.43
N LYS A 60 -2.45 16.97 -4.65
CA LYS A 60 -3.10 18.08 -5.32
C LYS A 60 -4.15 17.63 -6.35
N GLY A 61 -5.21 18.44 -6.49
CA GLY A 61 -6.18 18.28 -7.56
C GLY A 61 -6.75 16.87 -7.57
N THR A 62 -6.75 16.27 -8.76
CA THR A 62 -7.27 14.91 -8.97
C THR A 62 -6.14 13.91 -9.12
N HIS A 63 -4.95 14.25 -8.67
CA HIS A 63 -3.82 13.35 -8.86
C HIS A 63 -3.96 12.06 -8.08
N LEU A 64 -4.62 12.10 -6.92
CA LEU A 64 -4.81 10.85 -6.18
C LEU A 64 -5.69 9.88 -6.97
N GLN A 65 -6.77 10.39 -7.55
CA GLN A 65 -7.67 9.59 -8.37
C GLN A 65 -6.90 8.94 -9.52
N GLU A 66 -6.08 9.75 -10.19
CA GLU A 66 -5.30 9.20 -11.30
C GLU A 66 -4.34 8.13 -10.82
N PHE A 67 -3.66 8.37 -9.68
CA PHE A 67 -2.71 7.44 -9.09
C PHE A 67 -3.38 6.10 -8.78
N LEU A 68 -4.55 6.16 -8.12
CA LEU A 68 -5.25 4.95 -7.70
C LEU A 68 -5.91 4.19 -8.85
N GLY A 69 -6.22 4.88 -9.95
CA GLY A 69 -6.67 4.26 -11.18
C GLY A 69 -7.91 3.44 -10.94
N SER A 70 -7.81 2.14 -11.23
CA SER A 70 -8.90 1.19 -11.09
C SER A 70 -9.49 1.16 -9.68
N ASP A 71 -8.78 1.58 -8.64
CA ASP A 71 -9.28 1.61 -7.26
C ASP A 71 -9.95 2.92 -6.89
N ALA A 72 -9.83 3.97 -7.70
CA ALA A 72 -10.36 5.28 -7.32
C ALA A 72 -11.89 5.34 -7.28
N SER A 73 -12.57 4.42 -7.97
CA SER A 73 -14.03 4.46 -7.94
C SER A 73 -14.59 4.07 -6.58
N THR A 74 -13.72 3.60 -5.68
CA THR A 74 -14.14 3.25 -4.32
C THR A 74 -13.82 4.33 -3.31
N LEU A 75 -13.30 5.47 -3.75
CA LEU A 75 -13.01 6.56 -2.81
C LEU A 75 -14.25 7.03 -2.08
N SER A 76 -14.13 7.23 -0.77
CA SER A 76 -15.23 7.70 0.05
C SER A 76 -15.50 9.18 -0.17
N THR A 77 -14.46 9.95 -0.51
N THR A 77 -14.53 9.92 -0.71
CA THR A 77 -14.55 11.38 -0.78
CA THR A 77 -14.64 11.36 -0.86
C THR A 77 -13.46 11.73 -1.79
C THR A 77 -13.42 11.78 -1.67
N ASP A 78 -13.50 12.98 -2.26
CA ASP A 78 -12.39 13.58 -3.00
C ASP A 78 -11.68 14.51 -2.05
N PRO A 79 -10.49 14.16 -1.57
CA PRO A 79 -9.78 15.06 -0.64
C PRO A 79 -9.53 16.41 -1.27
N GLY A 80 -9.46 17.43 -0.42
CA GLY A 80 -8.94 18.72 -0.83
C GLY A 80 -7.43 18.69 -1.03
N ASP A 81 -6.90 19.83 -1.49
CA ASP A 81 -5.48 19.92 -1.75
C ASP A 81 -4.65 19.85 -0.46
N ASN A 82 -3.52 19.20 -0.56
CA ASN A 82 -2.43 19.24 0.40
C ASN A 82 -1.13 19.25 -0.39
N THR A 83 -0.01 19.48 0.28
CA THR A 83 1.28 19.42 -0.39
C THR A 83 1.82 18.01 -0.44
N ASP A 84 1.58 17.23 0.62
CA ASP A 84 2.20 15.94 0.82
C ASP A 84 1.09 14.95 1.17
N GLY A 85 1.26 13.67 0.87
CA GLY A 85 0.21 12.73 1.24
C GLY A 85 0.67 11.32 1.04
N GLY A 86 -0.13 10.37 1.52
CA GLY A 86 0.26 8.97 1.40
C GLY A 86 -0.90 8.06 1.74
N ILE A 87 -0.63 6.75 1.64
CA ILE A 87 -1.66 5.74 1.86
C ILE A 87 -1.20 4.74 2.91
N TYR A 88 -2.18 4.22 3.61
CA TYR A 88 -2.04 3.14 4.58
C TYR A 88 -3.01 2.04 4.16
N LEU A 89 -2.49 0.87 3.85
CA LEU A 89 -3.27 -0.30 3.42
C LEU A 89 -3.14 -1.39 4.46
N GLN A 90 -4.25 -2.07 4.76
CA GLN A 90 -4.17 -3.19 5.69
C GLN A 90 -5.21 -4.24 5.36
N GLY A 91 -4.86 -5.49 5.57
CA GLY A 91 -5.78 -6.59 5.43
C GLY A 91 -5.00 -7.87 5.37
N TYR A 92 -5.29 -8.72 4.41
CA TYR A 92 -4.77 -10.08 4.35
C TYR A 92 -4.41 -10.43 2.91
N VAL A 93 -3.46 -11.34 2.77
CA VAL A 93 -3.00 -11.85 1.49
C VAL A 93 -2.83 -13.36 1.58
N TYR A 94 -3.41 -14.07 0.63
CA TYR A 94 -3.30 -15.53 0.63
C TYR A 94 -1.95 -15.93 0.08
N LEU A 95 -1.12 -16.57 0.90
CA LEU A 95 0.16 -17.10 0.48
C LEU A 95 0.34 -18.52 1.00
N GLU A 96 0.80 -19.41 0.12
CA GLU A 96 1.21 -20.72 0.58
C GLU A 96 2.52 -20.64 1.36
N ALA A 97 2.75 -21.60 2.25
CA ALA A 97 4.04 -21.67 2.93
C ALA A 97 5.16 -21.73 1.92
N GLY A 98 6.26 -21.04 2.21
CA GLY A 98 7.39 -21.01 1.31
C GLY A 98 8.14 -19.69 1.46
N THR A 99 9.05 -19.45 0.51
CA THR A 99 9.91 -18.28 0.49
C THR A 99 9.42 -17.30 -0.57
N TYR A 100 9.49 -16.00 -0.24
CA TYR A 100 9.03 -14.93 -1.11
C TYR A 100 9.98 -13.75 -1.02
N ASN A 101 9.90 -12.85 -2.00
CA ASN A 101 10.56 -11.56 -1.82
C ASN A 101 9.81 -10.50 -2.62
N PHE A 102 9.78 -9.29 -2.07
CA PHE A 102 9.24 -8.13 -2.80
C PHE A 102 10.28 -7.48 -3.72
N LYS A 103 9.78 -6.86 -4.78
CA LYS A 103 10.55 -5.95 -5.62
C LYS A 103 9.61 -4.77 -5.84
N VAL A 104 10.02 -3.59 -5.38
CA VAL A 104 9.10 -2.46 -5.27
C VAL A 104 9.67 -1.28 -6.06
N THR A 105 8.84 -0.68 -6.90
CA THR A 105 9.14 0.58 -7.59
C THR A 105 8.37 1.66 -6.88
N ALA A 106 9.05 2.73 -6.48
CA ALA A 106 8.38 3.75 -5.69
C ALA A 106 9.06 5.11 -5.81
N ASP A 107 8.23 6.13 -5.66
CA ASP A 107 8.60 7.52 -5.31
C ASP A 107 7.41 7.98 -4.47
N ASP A 108 7.57 8.30 -3.18
CA ASP A 108 8.79 8.37 -2.41
C ASP A 108 9.03 7.03 -1.70
N GLY A 109 9.00 6.97 -0.38
CA GLY A 109 9.32 5.78 0.37
C GLY A 109 8.10 4.95 0.75
N TYR A 110 8.36 3.86 1.48
CA TYR A 110 7.32 2.89 1.80
C TYR A 110 7.81 1.90 2.85
N GLU A 111 6.84 1.20 3.44
CA GLU A 111 7.16 0.05 4.27
C GLU A 111 6.03 -0.97 4.17
N ILE A 112 6.41 -2.20 3.94
CA ILE A 112 5.48 -3.33 3.86
C ILE A 112 5.80 -4.30 4.98
N THR A 113 4.77 -4.71 5.72
CA THR A 113 4.91 -5.69 6.77
C THR A 113 4.03 -6.88 6.50
N ILE A 114 4.48 -8.06 6.85
CA ILE A 114 3.68 -9.29 6.75
C ILE A 114 3.74 -9.97 8.10
N ASN A 115 2.58 -10.31 8.62
CA ASN A 115 2.48 -10.88 9.96
C ASN A 115 3.26 -10.04 10.95
N GLY A 116 3.20 -8.69 10.78
CA GLY A 116 3.80 -7.72 11.69
C GLY A 116 5.27 -7.48 11.50
N ASN A 117 5.95 -8.19 10.58
CA ASN A 117 7.40 -8.06 10.38
C ASN A 117 7.65 -7.25 9.13
N PRO A 118 8.51 -6.23 9.15
CA PRO A 118 8.85 -5.52 7.92
C PRO A 118 9.56 -6.45 6.95
N VAL A 119 9.15 -6.41 5.69
CA VAL A 119 9.72 -7.22 4.63
C VAL A 119 10.16 -6.36 3.45
N ALA A 120 9.82 -5.08 3.42
CA ALA A 120 10.32 -4.18 2.36
C ALA A 120 10.23 -2.78 2.90
N THR A 121 11.35 -2.08 3.00
CA THR A 121 11.43 -0.77 3.65
C THR A 121 12.28 0.15 2.79
N VAL A 122 11.77 1.35 2.51
CA VAL A 122 12.58 2.50 2.09
C VAL A 122 12.19 3.66 2.97
N ASP A 123 13.09 4.02 3.87
CA ASP A 123 12.83 5.00 4.94
C ASP A 123 13.31 6.38 4.56
N ASN A 124 13.06 6.84 3.35
CA ASN A 124 13.53 8.15 2.90
C ASN A 124 12.79 8.52 1.63
N ASN A 125 12.91 9.78 1.25
CA ASN A 125 12.37 10.23 -0.02
C ASN A 125 13.30 9.79 -1.14
N GLN A 126 12.73 9.66 -2.35
CA GLN A 126 13.51 9.27 -3.51
C GLN A 126 12.71 9.53 -4.78
N SER A 127 13.41 9.94 -5.83
CA SER A 127 12.85 9.81 -7.16
C SER A 127 12.72 8.32 -7.51
N VAL A 128 11.96 8.02 -8.57
CA VAL A 128 11.54 6.64 -8.83
C VAL A 128 12.73 5.71 -8.79
N TYR A 129 12.56 4.62 -8.05
CA TYR A 129 13.62 3.64 -7.90
C TYR A 129 12.98 2.30 -7.61
N THR A 130 13.63 1.24 -8.09
CA THR A 130 13.15 -0.12 -7.86
C THR A 130 14.16 -0.86 -7.03
N VAL A 131 13.72 -1.40 -5.91
CA VAL A 131 14.56 -2.19 -4.99
C VAL A 131 14.07 -3.63 -5.01
N THR A 132 15.00 -4.58 -5.17
CA THR A 132 14.74 -5.98 -4.91
C THR A 132 15.08 -6.24 -3.46
N HIS A 133 14.08 -6.57 -2.66
CA HIS A 133 14.23 -6.77 -1.23
C HIS A 133 14.60 -8.21 -0.89
N ALA A 134 15.13 -8.38 0.30
CA ALA A 134 15.54 -9.69 0.79
C ALA A 134 14.36 -10.63 0.99
N SER A 135 14.64 -11.91 0.89
N SER A 135 14.64 -11.92 0.89
CA SER A 135 13.57 -12.89 0.99
CA SER A 135 13.60 -12.90 1.03
C SER A 135 13.12 -13.08 2.43
C SER A 135 13.05 -12.94 2.46
N PHE A 136 11.89 -13.56 2.57
CA PHE A 136 11.24 -13.89 3.83
C PHE A 136 10.47 -15.18 3.65
N THR A 137 10.16 -15.81 4.77
CA THR A 137 9.45 -17.08 4.74
C THR A 137 8.06 -16.97 5.35
N ILE A 138 7.14 -17.74 4.80
CA ILE A 138 5.80 -17.95 5.33
C ILE A 138 5.77 -19.37 5.84
N SER A 139 5.42 -19.51 7.12
CA SER A 139 5.45 -20.81 7.80
C SER A 139 4.21 -21.65 7.53
N GLU A 140 3.03 -21.02 7.41
CA GLU A 140 1.78 -21.76 7.30
C GLU A 140 0.93 -21.17 6.18
N SER A 141 0.48 -22.02 5.25
CA SER A 141 -0.36 -21.54 4.16
C SER A 141 -1.65 -20.93 4.67
N GLY A 142 -2.07 -19.85 4.02
CA GLY A 142 -3.36 -19.25 4.32
C GLY A 142 -3.30 -17.75 4.13
N TYR A 143 -4.29 -17.07 4.68
CA TYR A 143 -4.30 -15.62 4.68
C TYR A 143 -3.31 -15.10 5.72
N GLN A 144 -2.33 -14.34 5.25
CA GLN A 144 -1.32 -13.68 6.06
C GLN A 144 -1.73 -12.23 6.28
N ALA A 145 -1.46 -11.71 7.47
CA ALA A 145 -1.71 -10.29 7.67
C ALA A 145 -0.70 -9.46 6.89
N ILE A 146 -1.17 -8.38 6.28
CA ILE A 146 -0.29 -7.49 5.53
C ILE A 146 -0.69 -6.07 5.79
N ASP A 147 0.29 -5.20 5.85
CA ASP A 147 0.00 -3.78 5.77
C ASP A 147 1.10 -3.08 5.00
N MET A 148 0.75 -1.92 4.47
CA MET A 148 1.66 -1.12 3.67
C MET A 148 1.45 0.34 3.99
N ILE A 149 2.54 1.08 3.97
CA ILE A 149 2.48 2.53 3.87
C ILE A 149 3.32 2.96 2.70
N TRP A 150 2.92 4.07 2.09
CA TRP A 150 3.64 4.71 1.00
C TRP A 150 3.32 6.19 1.10
N TRP A 151 4.27 7.05 0.73
CA TRP A 151 3.95 8.47 0.67
C TRP A 151 4.65 9.15 -0.48
N ASP A 152 4.17 10.37 -0.75
CA ASP A 152 4.75 11.35 -1.67
C ASP A 152 5.02 12.64 -0.89
N GLN A 153 6.26 13.06 -0.88
CA GLN A 153 6.65 14.36 -0.31
C GLN A 153 6.39 15.51 -1.29
N GLY A 154 6.03 15.20 -2.52
CA GLY A 154 5.86 16.18 -3.57
C GLY A 154 6.49 15.70 -4.86
N GLY A 155 6.10 16.32 -5.96
CA GLY A 155 6.68 16.03 -7.25
C GLY A 155 6.03 14.82 -7.88
N ASP A 156 6.87 13.89 -8.35
CA ASP A 156 6.37 12.67 -8.97
C ASP A 156 6.00 11.65 -7.90
N TYR A 157 5.26 10.62 -8.31
CA TYR A 157 4.74 9.63 -7.38
C TYR A 157 4.46 8.34 -8.14
N VAL A 158 4.82 7.22 -7.53
CA VAL A 158 4.55 5.90 -8.09
C VAL A 158 4.66 4.90 -6.94
N PHE A 159 3.88 3.82 -7.01
CA PHE A 159 4.00 2.76 -6.00
C PHE A 159 3.55 1.44 -6.60
N GLN A 160 4.49 0.52 -6.81
CA GLN A 160 4.18 -0.78 -7.37
C GLN A 160 4.99 -1.84 -6.65
N PRO A 161 4.41 -2.48 -5.61
N PRO A 161 4.46 -2.36 -5.56
CA PRO A 161 5.14 -3.51 -4.86
CA PRO A 161 5.05 -3.55 -4.98
C PRO A 161 4.84 -4.94 -5.33
C PRO A 161 4.73 -4.73 -5.87
N THR A 162 5.71 -5.55 -6.11
CA THR A 162 5.48 -6.84 -6.72
C THR A 162 6.12 -7.91 -5.85
N LEU A 163 5.63 -9.13 -5.97
CA LEU A 163 6.05 -10.22 -5.11
C LEU A 163 6.45 -11.42 -5.94
N SER A 164 7.52 -12.10 -5.54
CA SER A 164 7.95 -13.32 -6.21
C SER A 164 7.87 -14.48 -5.22
N ALA A 165 7.34 -15.59 -5.73
CA ALA A 165 7.26 -16.87 -5.04
C ALA A 165 8.29 -17.87 -5.55
N ASP A 166 9.10 -17.49 -6.53
CA ASP A 166 9.95 -18.45 -7.25
C ASP A 166 11.39 -17.96 -7.33
N GLY A 167 11.84 -17.31 -6.27
CA GLY A 167 13.22 -16.90 -6.16
C GLY A 167 13.61 -15.76 -7.06
N GLY A 168 12.66 -14.91 -7.40
CA GLY A 168 12.98 -13.74 -8.18
C GLY A 168 12.89 -13.92 -9.68
N SER A 169 12.39 -15.06 -10.15
N SER A 169 12.38 -15.06 -10.12
CA SER A 169 12.25 -15.33 -11.59
CA SER A 169 12.29 -15.28 -11.59
C SER A 169 11.01 -14.69 -12.20
C SER A 169 11.06 -14.56 -12.15
N THR A 170 9.93 -14.62 -11.45
CA THR A 170 8.71 -13.95 -11.86
C THR A 170 8.15 -13.22 -10.66
N TYR A 171 7.45 -12.14 -10.94
CA TYR A 171 6.83 -11.31 -9.93
C TYR A 171 5.39 -11.04 -10.35
N PHE A 172 4.53 -10.83 -9.34
CA PHE A 172 3.13 -10.49 -9.56
C PHE A 172 2.74 -9.29 -8.70
N VAL A 173 1.76 -8.54 -9.21
CA VAL A 173 1.07 -7.48 -8.47
C VAL A 173 0.09 -8.13 -7.49
N LEU A 174 -0.05 -7.53 -6.32
CA LEU A 174 -1.05 -7.95 -5.36
C LEU A 174 -2.39 -7.37 -5.76
N ASP A 175 -3.36 -8.24 -5.96
CA ASP A 175 -4.64 -7.83 -6.50
C ASP A 175 -5.72 -8.79 -6.02
N SER A 176 -6.91 -8.64 -6.57
CA SER A 176 -8.08 -9.34 -6.09
C SER A 176 -7.94 -10.86 -6.14
N ALA A 177 -6.97 -11.42 -6.88
CA ALA A 177 -6.80 -12.88 -6.88
C ALA A 177 -6.49 -13.42 -5.48
N ILE A 178 -5.76 -12.65 -4.66
CA ILE A 178 -5.27 -13.16 -3.38
C ILE A 178 -5.52 -12.25 -2.19
N LEU A 179 -6.02 -11.05 -2.40
CA LEU A 179 -6.23 -10.15 -1.27
C LEU A 179 -7.59 -10.38 -0.63
N SER A 180 -7.65 -10.14 0.67
CA SER A 180 -8.92 -10.16 1.41
C SER A 180 -8.90 -9.05 2.45
N SER A 181 -10.00 -8.34 2.59
CA SER A 181 -10.04 -7.26 3.54
C SER A 181 -10.12 -7.75 4.98
N THR A 182 -10.67 -8.94 5.22
CA THR A 182 -10.93 -9.40 6.59
C THR A 182 -10.28 -10.72 6.90
N GLY A 183 -9.77 -11.42 5.90
CA GLY A 183 -9.25 -12.77 6.08
C GLY A 183 -10.25 -13.87 5.80
N GLU A 184 -11.50 -13.53 5.54
CA GLU A 184 -12.46 -14.47 4.99
C GLU A 184 -12.29 -14.53 3.47
N THR A 185 -12.73 -15.61 2.89
CA THR A 185 -12.62 -15.77 1.44
C THR A 185 -13.58 -14.85 0.71
N PRO A 186 -13.09 -13.97 -0.16
CA PRO A 186 -14.00 -13.10 -0.92
C PRO A 186 -14.53 -13.83 -2.17
N TYR A 187 -15.84 -13.71 -2.40
CA TYR A 187 -16.55 -14.18 -3.59
C TYR A 187 -17.23 -12.97 -4.23
#